data_5ESA
#
_entry.id   5ESA
#
_cell.length_a   64.736
_cell.length_b   69.806
_cell.length_c   87.829
_cell.angle_alpha   90.000
_cell.angle_beta   90.000
_cell.angle_gamma   90.000
#
_symmetry.space_group_name_H-M   'P 21 21 21'
#
loop_
_entity.id
_entity.type
_entity.pdbx_description
1 polymer 'Anti-HCV E2 glycoprotein Fab heavy chain'
2 polymer 'Anti-HCV E2 glycoprotein Fab light chain'
3 water water
#
loop_
_entity_poly.entity_id
_entity_poly.type
_entity_poly.pdbx_seq_one_letter_code
_entity_poly.pdbx_strand_id
1 'polypeptide(L)'
;MQVQLVQSGAEVKKPGSSVKVSCEASGGTLSNYVITWVRQAPGQGLEWMGGFIPTFRTAMYAQGFQGRVTITADESTSIA
YMELTNLRSEDTAVYYCARGPLSRGYYDYWGQGTLVTVSSAKTTAPSVYPLAPVCGDTTGSSVTLGCLVKGYFPEPVTLT
WNSGSLSSGVHTFPAVLQSDLYTLSSSVTVTSSTWPSQSITCNVAHPASSTKVDKKI
;
A
2 'polypeptide(L)'
;MSYVLTQPPSVSVAPGKTARITCGGNNIGSKSVHWYQQKPGQAPVLVVYDDSDRPSGIPERFSGSNSGNTATLTISRVEA
GDEADYYCQVWDSSSVVFGGWTKLTVLRADAAPTVSIFPPSSEQLTSGGASVVCFLNNFYPKDINVKWKIDGSERQNGVL
NSWTDQDSKDSTYSMSSTLTLTKDEYERHNSYTCEATHKTSTSPIVKSFNRNEC
;
B
#
# COMPACT_ATOMS: atom_id res chain seq x y z
N GLN A 2 1.83 -22.02 -16.09
CA GLN A 2 1.63 -20.58 -15.95
C GLN A 2 2.77 -19.80 -15.42
N VAL A 3 3.02 -18.71 -16.12
CA VAL A 3 4.24 -17.97 -16.12
C VAL A 3 4.23 -16.77 -15.25
N GLN A 4 5.20 -16.71 -14.39
CA GLN A 4 5.16 -15.72 -13.30
C GLN A 4 6.49 -14.99 -13.04
N LEU A 5 6.49 -13.65 -13.15
CA LEU A 5 7.65 -12.87 -12.71
C LEU A 5 7.76 -12.85 -11.20
N VAL A 6 8.96 -13.17 -10.68
CA VAL A 6 9.25 -13.14 -9.25
C VAL A 6 10.55 -12.36 -9.00
N GLN A 7 10.51 -11.41 -8.07
CA GLN A 7 11.68 -10.58 -7.77
C GLN A 7 12.36 -11.00 -6.47
N SER A 8 13.61 -10.59 -6.27
CA SER A 8 14.30 -10.85 -5.01
C SER A 8 13.76 -9.95 -3.90
N GLY A 9 14.09 -10.30 -2.66
CA GLY A 9 13.41 -9.75 -1.49
C GLY A 9 13.75 -8.31 -1.22
N ALA A 10 13.00 -7.68 -0.31
CA ALA A 10 13.27 -6.33 0.13
C ALA A 10 14.76 -6.12 0.43
N GLU A 11 15.25 -4.90 0.23
CA GLU A 11 16.66 -4.62 0.33
C GLU A 11 16.91 -3.40 1.21
N VAL A 12 18.06 -3.39 1.89
CA VAL A 12 18.47 -2.20 2.63
C VAL A 12 19.90 -1.86 2.28
N LYS A 13 20.13 -0.61 1.93
CA LYS A 13 21.42 -0.19 1.45
C LYS A 13 21.80 1.15 2.07
N LYS A 14 23.08 1.30 2.41
CA LYS A 14 23.57 2.55 2.99
C LYS A 14 23.59 3.63 1.94
N PRO A 15 23.37 4.88 2.37
CA PRO A 15 23.53 5.99 1.45
C PRO A 15 24.87 5.92 0.73
N GLY A 16 24.85 6.02 -0.60
CA GLY A 16 26.07 6.04 -1.37
C GLY A 16 26.41 4.73 -2.06
N SER A 17 25.93 3.61 -1.56
CA SER A 17 26.25 2.31 -2.09
C SER A 17 25.37 2.01 -3.27
N SER A 18 25.27 0.76 -3.65
CA SER A 18 24.44 0.37 -4.75
C SER A 18 23.58 -0.86 -4.47
N VAL A 19 22.45 -0.99 -5.15
CA VAL A 19 21.60 -2.17 -5.03
C VAL A 19 21.46 -2.89 -6.37
N LYS A 20 21.43 -4.22 -6.33
CA LYS A 20 21.11 -4.99 -7.53
C LYS A 20 19.89 -5.86 -7.24
N VAL A 21 18.90 -5.84 -8.13
CA VAL A 21 17.65 -6.59 -7.94
C VAL A 21 17.42 -7.59 -9.07
N SER A 22 16.91 -8.77 -8.72
CA SER A 22 16.67 -9.82 -9.70
C SER A 22 15.21 -9.94 -10.09
N CYS A 23 14.99 -10.34 -11.34
CA CYS A 23 13.65 -10.59 -11.88
C CYS A 23 13.69 -11.88 -12.71
N GLU A 24 13.00 -12.90 -12.23
CA GLU A 24 13.06 -14.24 -12.81
C GLU A 24 11.73 -14.65 -13.46
N ALA A 25 11.79 -15.10 -14.71
CA ALA A 25 10.58 -15.55 -15.43
C ALA A 25 10.25 -16.99 -15.10
N SER A 26 9.74 -17.21 -13.88
CA SER A 26 9.39 -18.55 -13.37
C SER A 26 8.67 -19.43 -14.42
N GLY A 27 9.37 -20.47 -14.87
CA GLY A 27 8.84 -21.42 -15.83
C GLY A 27 8.50 -20.83 -17.18
N GLY A 28 9.26 -19.83 -17.59
CA GLY A 28 9.02 -19.17 -18.86
C GLY A 28 10.30 -18.81 -19.58
N THR A 29 10.33 -17.63 -20.18
CA THR A 29 11.54 -17.16 -20.84
C THR A 29 11.50 -15.65 -21.02
N LEU A 30 12.69 -15.07 -21.23
CA LEU A 30 12.77 -13.65 -21.51
C LEU A 30 13.43 -13.41 -22.88
N SER A 31 13.27 -14.35 -23.79
CA SER A 31 13.63 -14.13 -25.18
C SER A 31 12.35 -13.72 -25.86
N ASN A 32 12.45 -12.93 -26.94
CA ASN A 32 11.28 -12.42 -27.68
C ASN A 32 10.45 -11.42 -26.85
N TYR A 33 11.04 -10.89 -25.79
CA TYR A 33 10.31 -10.02 -24.89
C TYR A 33 11.03 -8.72 -24.53
N VAL A 34 10.23 -7.78 -24.06
CA VAL A 34 10.74 -6.56 -23.49
C VAL A 34 10.63 -6.69 -21.98
N ILE A 35 11.73 -6.53 -21.25
CA ILE A 35 11.59 -6.37 -19.82
C ILE A 35 11.89 -4.93 -19.45
N THR A 36 11.15 -4.46 -18.46
CA THR A 36 11.20 -3.06 -18.08
C THR A 36 11.27 -2.96 -16.57
N TRP A 37 11.91 -1.92 -16.08
CA TRP A 37 11.96 -1.66 -14.64
C TRP A 37 11.29 -0.32 -14.32
N VAL A 38 10.37 -0.36 -13.35
CA VAL A 38 9.51 0.78 -13.07
C VAL A 38 9.51 1.03 -11.56
N ARG A 39 10.06 2.16 -11.14
CA ARG A 39 10.12 2.44 -9.72
C ARG A 39 8.94 3.31 -9.23
N GLN A 40 8.66 3.22 -7.94
CA GLN A 40 7.55 3.96 -7.36
C GLN A 40 7.93 4.40 -5.96
N ALA A 41 8.12 5.72 -5.82
CA ALA A 41 8.38 6.33 -4.53
C ALA A 41 7.13 6.22 -3.69
N PRO A 42 7.28 6.14 -2.36
CA PRO A 42 6.13 6.01 -1.46
C PRO A 42 5.07 7.06 -1.76
N GLY A 43 3.85 6.60 -2.03
CA GLY A 43 2.74 7.49 -2.30
C GLY A 43 2.98 8.38 -3.50
N GLN A 44 3.75 7.91 -4.46
CA GLN A 44 3.98 8.66 -5.69
C GLN A 44 3.70 7.74 -6.86
N GLY A 45 3.88 8.22 -8.09
CA GLY A 45 3.52 7.46 -9.26
C GLY A 45 4.60 6.54 -9.81
N LEU A 46 4.22 5.82 -10.85
CA LEU A 46 5.13 4.92 -11.53
C LEU A 46 6.10 5.74 -12.36
N GLU A 47 7.40 5.45 -12.30
CA GLU A 47 8.32 6.05 -13.27
C GLU A 47 9.25 5.03 -13.91
N TRP A 48 9.25 5.04 -15.25
CA TRP A 48 10.08 4.16 -16.08
C TRP A 48 11.56 4.44 -15.88
N MET A 49 12.35 3.39 -15.64
CA MET A 49 13.79 3.54 -15.43
C MET A 49 14.53 3.13 -16.68
N GLY A 50 13.96 2.15 -17.37
CA GLY A 50 14.51 1.71 -18.61
C GLY A 50 13.87 0.40 -19.01
N GLY A 51 14.32 -0.14 -20.13
CA GLY A 51 13.84 -1.43 -20.61
C GLY A 51 14.90 -2.09 -21.45
N PHE A 52 14.92 -3.41 -21.44
CA PHE A 52 15.97 -4.14 -22.11
C PHE A 52 15.39 -5.24 -22.97
N ILE A 53 15.65 -5.18 -24.28
CA ILE A 53 15.32 -6.27 -25.19
C ILE A 53 16.49 -7.22 -25.34
N PRO A 54 16.38 -8.44 -24.80
CA PRO A 54 17.44 -9.44 -24.91
C PRO A 54 17.78 -9.94 -26.34
N THR A 55 16.79 -10.00 -27.24
CA THR A 55 17.07 -10.51 -28.60
C THR A 55 17.86 -9.50 -29.45
N PHE A 56 17.49 -8.23 -29.37
CA PHE A 56 18.20 -7.17 -30.09
C PHE A 56 19.41 -6.71 -29.26
N ARG A 57 19.59 -7.36 -28.11
CA ARG A 57 20.62 -7.04 -27.11
C ARG A 57 20.82 -5.52 -26.96
N THR A 58 19.72 -4.82 -26.65
CA THR A 58 19.72 -3.37 -26.58
C THR A 58 19.05 -2.88 -25.28
N ALA A 59 19.76 -2.06 -24.51
CA ALA A 59 19.20 -1.50 -23.30
C ALA A 59 18.82 -0.05 -23.54
N MET A 60 17.83 0.45 -22.80
CA MET A 60 17.41 1.84 -22.96
C MET A 60 17.15 2.39 -21.58
N TYR A 61 17.38 3.68 -21.39
CA TYR A 61 17.26 4.26 -20.06
C TYR A 61 16.54 5.58 -20.09
N ALA A 62 15.83 5.89 -19.02
CA ALA A 62 15.30 7.23 -18.85
C ALA A 62 16.36 8.20 -18.33
N GLN A 63 16.28 9.44 -18.76
CA GLN A 63 16.96 10.54 -18.07
C GLN A 63 16.33 10.71 -16.69
N GLY A 64 17.00 11.43 -15.81
CA GLY A 64 16.49 11.64 -14.46
C GLY A 64 17.16 10.64 -13.56
N PHE A 65 17.86 9.70 -14.18
CA PHE A 65 18.69 8.80 -13.43
C PHE A 65 20.20 9.04 -13.54
N GLN A 66 20.63 9.93 -14.42
CA GLN A 66 21.99 10.43 -14.35
C GLN A 66 23.06 9.38 -14.61
N GLY A 67 22.66 8.46 -15.46
CA GLY A 67 23.40 7.29 -15.90
C GLY A 67 23.56 6.34 -14.76
N ARG A 68 22.60 6.31 -13.86
CA ARG A 68 22.76 5.54 -12.62
C ARG A 68 22.18 4.14 -12.70
N VAL A 69 21.36 3.91 -13.72
CA VAL A 69 20.71 2.63 -13.90
C VAL A 69 21.47 1.73 -14.86
N THR A 70 21.57 0.46 -14.50
CA THR A 70 22.09 -0.56 -15.40
C THR A 70 21.16 -1.77 -15.42
N ILE A 71 20.57 -2.03 -16.57
CA ILE A 71 19.66 -3.16 -16.72
C ILE A 71 20.30 -4.27 -17.56
N THR A 72 20.32 -5.49 -17.02
CA THR A 72 20.94 -6.61 -17.73
C THR A 72 20.05 -7.85 -17.72
N ALA A 73 20.53 -8.94 -18.28
CA ALA A 73 19.83 -10.22 -18.22
C ALA A 73 20.78 -11.39 -18.27
N ASP A 74 20.34 -12.54 -17.76
CA ASP A 74 21.12 -13.78 -17.57
C ASP A 74 21.39 -14.51 -18.88
N GLU A 75 22.41 -15.36 -18.89
CA GLU A 75 22.84 -16.09 -20.08
C GLU A 75 21.83 -17.17 -20.41
N SER A 76 21.25 -17.79 -19.38
CA SER A 76 20.14 -18.70 -19.57
C SER A 76 18.98 -17.94 -20.19
N THR A 77 19.04 -16.61 -20.10
CA THR A 77 17.99 -15.68 -20.54
C THR A 77 16.65 -16.10 -19.89
N SER A 78 16.72 -16.13 -18.56
CA SER A 78 15.63 -16.53 -17.70
C SER A 78 15.47 -15.47 -16.62
N ILE A 79 16.57 -14.78 -16.33
CA ILE A 79 16.67 -13.84 -15.20
C ILE A 79 17.12 -12.45 -15.63
N ALA A 80 16.44 -11.42 -15.14
CA ALA A 80 16.78 -10.04 -15.46
C ALA A 80 17.23 -9.25 -14.21
N TYR A 81 18.19 -8.34 -14.40
CA TYR A 81 18.78 -7.61 -13.29
C TYR A 81 18.67 -6.11 -13.47
N MET A 82 18.35 -5.42 -12.39
CA MET A 82 18.41 -3.98 -12.38
C MET A 82 19.44 -3.52 -11.34
N GLU A 83 20.26 -2.55 -11.71
CA GLU A 83 21.30 -2.11 -10.81
C GLU A 83 21.23 -0.60 -10.67
N LEU A 84 21.18 -0.13 -9.42
CA LEU A 84 21.13 1.32 -9.17
C LEU A 84 22.32 1.71 -8.32
N THR A 85 23.15 2.63 -8.82
CA THR A 85 24.36 2.99 -8.08
C THR A 85 24.23 4.36 -7.42
N ASN A 86 25.15 4.64 -6.49
CA ASN A 86 25.17 5.88 -5.73
C ASN A 86 23.80 6.20 -5.12
N LEU A 87 23.31 5.26 -4.30
CA LEU A 87 21.98 5.39 -3.68
C LEU A 87 21.86 6.61 -2.77
N ARG A 88 20.81 7.39 -2.99
CA ARG A 88 20.45 8.53 -2.12
C ARG A 88 19.09 8.22 -1.49
N SER A 89 18.67 8.97 -0.47
CA SER A 89 17.43 8.64 0.25
C SER A 89 16.17 8.76 -0.63
N GLU A 90 16.28 9.42 -1.78
CA GLU A 90 15.17 9.52 -2.75
C GLU A 90 15.03 8.24 -3.55
N ASP A 91 16.00 7.34 -3.39
CA ASP A 91 15.95 6.07 -4.08
C ASP A 91 15.16 5.02 -3.30
N THR A 92 14.80 5.34 -2.06
CA THR A 92 13.83 4.52 -1.34
C THR A 92 12.58 4.40 -2.19
N ALA A 93 12.30 3.20 -2.70
CA ALA A 93 11.18 3.00 -3.61
C ALA A 93 10.83 1.52 -3.71
N VAL A 94 9.69 1.26 -4.34
CA VAL A 94 9.36 -0.10 -4.73
C VAL A 94 9.78 -0.22 -6.18
N TYR A 95 10.55 -1.25 -6.48
CA TYR A 95 11.01 -1.43 -7.84
C TYR A 95 10.34 -2.63 -8.47
N TYR A 96 9.55 -2.38 -9.51
CA TYR A 96 8.92 -3.46 -10.25
C TYR A 96 9.65 -3.79 -11.53
N CYS A 97 9.60 -5.05 -11.92
CA CYS A 97 9.90 -5.38 -13.29
C CYS A 97 8.60 -5.80 -13.95
N ALA A 98 8.60 -5.73 -15.27
CA ALA A 98 7.43 -6.10 -16.04
C ALA A 98 7.90 -6.57 -17.41
N ARG A 99 7.14 -7.47 -18.00
CA ARG A 99 7.50 -8.03 -19.28
C ARG A 99 6.34 -7.84 -20.27
N GLY A 100 6.67 -7.63 -21.53
CA GLY A 100 5.67 -7.56 -22.57
C GLY A 100 6.21 -8.12 -23.86
N PRO A 101 5.32 -8.35 -24.82
CA PRO A 101 5.67 -8.81 -26.17
C PRO A 101 6.61 -7.80 -26.85
N LEU A 102 7.59 -8.32 -27.59
CA LEU A 102 8.56 -7.48 -28.28
C LEU A 102 7.92 -6.64 -29.39
N SER A 103 6.86 -7.17 -30.00
CA SER A 103 6.22 -6.48 -31.12
C SER A 103 5.32 -5.38 -30.60
N ARG A 104 4.97 -5.46 -29.33
CA ARG A 104 3.98 -4.54 -28.77
C ARG A 104 4.61 -3.63 -27.73
N GLY A 105 3.89 -2.57 -27.36
CA GLY A 105 4.43 -1.54 -26.47
C GLY A 105 4.03 -1.58 -25.00
N TYR A 106 3.26 -2.60 -24.60
CA TYR A 106 2.66 -2.68 -23.26
C TYR A 106 3.29 -3.77 -22.41
N TYR A 107 2.88 -3.85 -21.15
CA TYR A 107 3.44 -4.84 -20.22
C TYR A 107 2.33 -5.56 -19.46
N ASP A 108 2.08 -6.80 -19.85
CA ASP A 108 0.97 -7.56 -19.31
C ASP A 108 1.38 -8.45 -18.16
N TYR A 109 2.68 -8.61 -17.95
CA TYR A 109 3.24 -9.40 -16.84
C TYR A 109 4.05 -8.55 -15.86
N TRP A 110 3.76 -8.68 -14.57
CA TRP A 110 4.38 -7.84 -13.55
C TRP A 110 4.89 -8.56 -12.31
N GLY A 111 6.13 -8.28 -11.93
CA GLY A 111 6.66 -8.76 -10.65
C GLY A 111 5.92 -8.16 -9.46
N GLN A 112 6.22 -8.68 -8.28
CA GLN A 112 5.55 -8.27 -7.06
C GLN A 112 6.16 -7.00 -6.52
N GLY A 113 7.29 -6.62 -7.09
CA GLY A 113 8.00 -5.46 -6.60
C GLY A 113 8.99 -5.77 -5.50
N THR A 114 10.09 -5.06 -5.55
CA THR A 114 11.11 -5.17 -4.53
C THR A 114 11.26 -3.82 -3.81
N LEU A 115 11.01 -3.80 -2.51
CA LEU A 115 11.21 -2.61 -1.73
C LEU A 115 12.72 -2.41 -1.44
N VAL A 116 13.25 -1.27 -1.85
CA VAL A 116 14.62 -0.94 -1.52
C VAL A 116 14.62 0.27 -0.56
N THR A 117 15.26 0.10 0.58
CA THR A 117 15.25 1.15 1.59
C THR A 117 16.66 1.62 1.81
N VAL A 118 16.91 2.90 1.54
CA VAL A 118 18.25 3.42 1.73
C VAL A 118 18.35 4.16 3.06
N SER A 119 19.13 3.55 3.96
CA SER A 119 19.19 3.94 5.35
C SER A 119 20.44 3.31 6.00
N SER A 120 20.89 3.84 7.13
CA SER A 120 22.00 3.24 7.85
C SER A 120 21.48 2.41 9.02
N ALA A 121 20.17 2.49 9.25
CA ALA A 121 19.52 1.86 10.41
C ALA A 121 19.68 0.34 10.43
N LYS A 122 19.71 -0.23 11.63
CA LYS A 122 19.90 -1.67 11.74
C LYS A 122 18.59 -2.44 11.81
N THR A 123 18.65 -3.69 11.39
CA THR A 123 17.51 -4.56 11.36
C THR A 123 17.08 -4.93 12.78
N THR A 124 15.77 -4.95 12.98
CA THR A 124 15.14 -5.21 14.26
C THR A 124 13.81 -5.93 14.09
N ALA A 125 13.70 -7.13 14.65
CA ALA A 125 12.44 -7.85 14.67
C ALA A 125 11.36 -7.06 15.42
N PRO A 126 10.09 -7.24 15.03
CA PRO A 126 8.98 -6.51 15.66
C PRO A 126 8.56 -7.05 17.04
N SER A 127 7.98 -6.17 17.85
CA SER A 127 7.22 -6.62 18.99
C SER A 127 5.76 -6.64 18.56
N VAL A 128 5.05 -7.71 18.92
CA VAL A 128 3.71 -7.97 18.46
C VAL A 128 2.76 -8.09 19.65
N TYR A 129 1.91 -7.09 19.83
CA TYR A 129 1.03 -7.04 20.99
C TYR A 129 -0.43 -7.22 20.60
N PRO A 130 -1.12 -8.13 21.29
CA PRO A 130 -2.57 -8.29 21.10
C PRO A 130 -3.35 -7.10 21.65
N LEU A 131 -4.39 -6.68 20.92
CA LEU A 131 -5.29 -5.63 21.43
C LEU A 131 -6.64 -6.25 21.78
N ALA A 132 -6.88 -6.47 23.06
CA ALA A 132 -8.12 -7.11 23.52
C ALA A 132 -9.12 -6.10 24.07
N PRO A 133 -10.41 -6.30 23.77
CA PRO A 133 -11.56 -5.51 24.24
C PRO A 133 -11.48 -5.22 25.72
N VAL A 134 -11.30 -3.95 26.04
CA VAL A 134 -10.99 -3.53 27.40
C VAL A 134 -11.95 -4.14 28.44
N CYS A 135 -11.37 -4.64 29.54
CA CYS A 135 -12.16 -5.22 30.63
C CYS A 135 -13.00 -6.40 30.15
N THR A 139 -18.33 -6.58 26.14
CA THR A 139 -19.27 -7.11 25.13
C THR A 139 -20.22 -6.04 24.57
N GLY A 140 -20.54 -6.14 23.28
CA GLY A 140 -21.55 -5.32 22.67
C GLY A 140 -22.42 -6.26 21.87
N SER A 141 -22.53 -6.02 20.56
CA SER A 141 -23.05 -7.02 19.61
C SER A 141 -22.10 -7.19 18.39
N SER A 142 -21.16 -6.27 18.24
CA SER A 142 -20.00 -6.52 17.39
C SER A 142 -18.78 -6.01 18.15
N VAL A 143 -17.66 -6.71 18.01
CA VAL A 143 -16.49 -6.38 18.79
C VAL A 143 -15.25 -6.28 17.89
N THR A 144 -14.43 -5.27 18.16
CA THR A 144 -13.21 -5.07 17.40
C THR A 144 -12.02 -5.55 18.22
N LEU A 145 -11.17 -6.38 17.59
CA LEU A 145 -9.90 -6.82 18.18
C LEU A 145 -8.76 -6.21 17.37
N GLY A 146 -7.52 -6.42 17.78
CA GLY A 146 -6.40 -5.93 16.99
C GLY A 146 -5.02 -6.40 17.41
N CYS A 147 -4.03 -6.17 16.53
CA CYS A 147 -2.63 -6.39 16.84
C CYS A 147 -1.86 -5.10 16.70
N LEU A 148 -0.89 -4.91 17.58
CA LEU A 148 0.01 -3.77 17.51
C LEU A 148 1.41 -4.29 17.17
N VAL A 149 1.94 -3.88 16.03
CA VAL A 149 3.25 -4.35 15.63
C VAL A 149 4.24 -3.20 15.72
N LYS A 150 5.16 -3.31 16.68
CA LYS A 150 5.96 -2.15 17.07
C LYS A 150 7.46 -2.41 17.06
N GLY A 151 8.23 -1.35 16.86
CA GLY A 151 9.67 -1.40 16.98
C GLY A 151 10.49 -2.24 16.02
N TYR A 152 10.13 -2.22 14.74
CA TYR A 152 10.86 -3.03 13.75
C TYR A 152 11.46 -2.24 12.60
N PHE A 153 12.44 -2.88 11.95
CA PHE A 153 13.12 -2.28 10.83
C PHE A 153 13.87 -3.35 10.00
N PRO A 154 13.76 -3.29 8.66
CA PRO A 154 12.99 -2.33 7.86
C PRO A 154 11.64 -2.89 7.51
N GLU A 155 10.98 -2.21 6.57
CA GLU A 155 9.77 -2.74 5.96
C GLU A 155 10.17 -3.82 4.95
N PRO A 156 9.31 -4.78 4.68
CA PRO A 156 7.96 -4.91 5.19
C PRO A 156 7.69 -5.95 6.29
N VAL A 157 6.57 -5.78 6.95
CA VAL A 157 5.87 -6.83 7.66
C VAL A 157 4.60 -7.18 6.91
N THR A 158 4.28 -8.44 7.03
CA THR A 158 3.09 -9.05 6.51
C THR A 158 2.23 -9.45 7.69
N LEU A 159 0.97 -9.04 7.69
CA LEU A 159 0.05 -9.33 8.75
C LEU A 159 -1.16 -10.04 8.23
N THR A 160 -1.57 -11.05 8.93
CA THR A 160 -2.76 -11.77 8.52
C THR A 160 -3.54 -12.09 9.77
N TRP A 161 -4.81 -12.46 9.64
CA TRP A 161 -5.55 -12.96 10.77
C TRP A 161 -5.92 -14.41 10.46
N ASN A 162 -5.68 -15.29 11.44
CA ASN A 162 -5.98 -16.71 11.31
C ASN A 162 -5.34 -17.28 10.06
N SER A 163 -4.04 -17.04 9.90
CA SER A 163 -3.28 -17.53 8.77
C SER A 163 -3.96 -17.27 7.43
N GLY A 164 -4.63 -16.14 7.31
CA GLY A 164 -5.25 -15.80 6.05
C GLY A 164 -6.72 -16.15 5.89
N SER A 165 -7.23 -17.09 6.69
CA SER A 165 -8.62 -17.50 6.52
C SER A 165 -9.61 -16.45 7.04
N LEU A 166 -9.11 -15.42 7.72
CA LEU A 166 -9.95 -14.29 8.16
C LEU A 166 -9.44 -12.98 7.54
N SER A 167 -10.21 -12.41 6.63
CA SER A 167 -9.82 -11.22 5.87
C SER A 167 -11.00 -10.24 5.70
N SER A 168 -12.19 -10.76 5.91
CA SER A 168 -13.36 -9.91 5.98
C SER A 168 -13.41 -9.17 7.34
N GLY A 169 -13.61 -7.85 7.30
CA GLY A 169 -13.74 -7.06 8.51
C GLY A 169 -12.40 -6.51 9.01
N VAL A 170 -11.37 -6.67 8.18
CA VAL A 170 -10.01 -6.32 8.55
C VAL A 170 -9.64 -4.93 8.08
N HIS A 171 -8.94 -4.20 8.94
CA HIS A 171 -8.29 -2.97 8.52
C HIS A 171 -6.83 -3.07 8.89
N THR A 172 -5.96 -3.21 7.89
CA THR A 172 -4.55 -3.18 8.19
C THR A 172 -3.97 -1.85 7.74
N PHE A 173 -3.39 -1.15 8.70
CA PHE A 173 -2.95 0.21 8.50
C PHE A 173 -1.52 0.25 7.95
N PRO A 174 -1.23 1.26 7.11
CA PRO A 174 0.09 1.57 6.59
C PRO A 174 1.10 1.73 7.72
N ALA A 175 2.31 1.21 7.58
CA ALA A 175 3.31 1.37 8.63
C ALA A 175 3.74 2.84 8.71
N VAL A 176 4.12 3.27 9.91
CA VAL A 176 4.61 4.64 10.09
C VAL A 176 5.96 4.64 10.83
N LEU A 177 6.89 5.46 10.33
CA LEU A 177 8.24 5.51 10.84
C LEU A 177 8.40 6.57 11.92
N GLN A 178 8.93 6.19 13.09
CA GLN A 178 9.28 7.14 14.15
C GLN A 178 10.63 6.77 14.74
N SER A 179 11.62 7.64 14.51
CA SER A 179 12.97 7.46 15.03
C SER A 179 13.58 6.16 14.52
N ASP A 180 13.43 5.93 13.21
CA ASP A 180 13.95 4.72 12.54
C ASP A 180 13.32 3.39 13.02
N LEU A 181 12.18 3.47 13.69
CA LEU A 181 11.44 2.25 14.02
C LEU A 181 10.01 2.34 13.52
N TYR A 182 9.53 1.30 12.86
CA TYR A 182 8.17 1.30 12.31
C TYR A 182 7.14 0.86 13.31
N THR A 183 5.91 1.26 13.02
CA THR A 183 4.79 0.82 13.79
C THR A 183 3.65 0.47 12.86
N LEU A 184 3.02 -0.66 13.12
CA LEU A 184 1.91 -1.12 12.31
C LEU A 184 0.82 -1.65 13.23
N SER A 185 -0.41 -1.58 12.77
CA SER A 185 -1.54 -2.01 13.56
C SER A 185 -2.59 -2.52 12.61
N SER A 186 -3.51 -3.31 13.15
CA SER A 186 -4.53 -3.91 12.34
C SER A 186 -5.66 -4.25 13.27
N SER A 187 -6.87 -4.00 12.80
CA SER A 187 -8.06 -4.39 13.55
C SER A 187 -8.91 -5.37 12.74
N VAL A 188 -9.61 -6.25 13.45
CA VAL A 188 -10.56 -7.14 12.83
C VAL A 188 -11.83 -7.00 13.63
N THR A 189 -12.97 -6.93 12.95
CA THR A 189 -14.23 -6.80 13.67
C THR A 189 -15.07 -8.04 13.48
N VAL A 190 -15.48 -8.62 14.56
CA VAL A 190 -16.29 -9.80 14.55
C VAL A 190 -17.52 -9.59 15.38
N THR A 191 -18.44 -10.53 15.37
CA THR A 191 -19.67 -10.40 16.14
C THR A 191 -19.51 -11.18 17.41
N SER A 192 -20.02 -10.66 18.51
CA SER A 192 -19.62 -11.10 19.85
C SER A 192 -19.93 -12.53 20.04
N SER A 193 -20.81 -13.04 19.22
CA SER A 193 -21.36 -14.34 19.47
C SER A 193 -20.20 -15.22 19.14
N THR A 194 -19.19 -14.58 18.56
CA THR A 194 -18.01 -15.26 18.05
C THR A 194 -16.84 -15.27 19.03
N TRP A 195 -16.63 -14.17 19.73
CA TRP A 195 -15.41 -14.00 20.52
C TRP A 195 -15.71 -13.84 22.00
N PRO A 196 -14.90 -14.48 22.87
CA PRO A 196 -13.71 -15.30 22.57
C PRO A 196 -13.95 -16.80 22.33
N SER A 197 -15.15 -17.18 21.92
CA SER A 197 -15.44 -18.60 21.72
C SER A 197 -14.54 -19.22 20.62
N GLN A 198 -14.03 -18.40 19.71
CA GLN A 198 -13.07 -18.88 18.72
C GLN A 198 -11.75 -18.15 18.80
N SER A 199 -10.64 -18.84 18.58
CA SER A 199 -9.36 -18.15 18.48
C SER A 199 -9.42 -17.12 17.37
N ILE A 200 -8.82 -15.98 17.62
CA ILE A 200 -8.58 -15.05 16.57
C ILE A 200 -7.15 -14.69 16.78
N THR A 201 -6.34 -15.03 15.79
CA THR A 201 -4.91 -14.93 15.95
C THR A 201 -4.36 -13.93 14.97
N CYS A 202 -3.44 -13.11 15.46
CA CYS A 202 -2.65 -12.20 14.65
C CYS A 202 -1.39 -12.94 14.16
N ASN A 203 -1.12 -12.94 12.86
CA ASN A 203 0.12 -13.53 12.34
C ASN A 203 1.00 -12.46 11.73
N VAL A 204 2.20 -12.28 12.27
CA VAL A 204 3.11 -11.27 11.75
C VAL A 204 4.39 -11.93 11.26
N ALA A 205 4.70 -11.72 9.99
CA ALA A 205 5.97 -12.19 9.42
C ALA A 205 6.85 -11.00 9.05
N HIS A 206 8.15 -11.14 9.30
CA HIS A 206 9.11 -10.07 9.05
C HIS A 206 10.38 -10.67 8.52
N PRO A 207 10.46 -10.90 7.20
CA PRO A 207 11.52 -11.65 6.55
C PRO A 207 12.92 -11.10 6.79
N ALA A 208 13.08 -9.79 6.95
CA ALA A 208 14.41 -9.21 7.19
C ALA A 208 15.06 -9.79 8.45
N SER A 209 14.25 -10.09 9.46
CA SER A 209 14.78 -10.61 10.71
C SER A 209 14.48 -12.09 10.88
N SER A 210 13.90 -12.68 9.83
CA SER A 210 13.49 -14.08 9.85
C SER A 210 12.59 -14.37 11.06
N THR A 211 11.51 -13.61 11.23
CA THR A 211 10.59 -13.89 12.33
C THR A 211 9.15 -14.09 11.88
N LYS A 212 8.55 -15.16 12.39
CA LYS A 212 7.13 -15.38 12.26
C LYS A 212 6.57 -15.48 13.66
N VAL A 213 5.56 -14.70 13.96
CA VAL A 213 5.05 -14.72 15.30
C VAL A 213 3.53 -14.80 15.25
N ASP A 214 2.96 -15.58 16.16
CA ASP A 214 1.51 -15.69 16.31
C ASP A 214 1.10 -15.11 17.65
N LYS A 215 -0.01 -14.39 17.66
CA LYS A 215 -0.55 -13.88 18.91
C LYS A 215 -2.06 -14.07 18.91
N LYS A 216 -2.50 -15.03 19.71
CA LYS A 216 -3.92 -15.26 19.97
C LYS A 216 -4.44 -14.07 20.76
N ILE A 217 -5.63 -13.59 20.43
CA ILE A 217 -6.17 -12.46 21.16
C ILE A 217 -7.16 -12.95 22.20
N SER B 2 10.36 13.63 -21.33
CA SER B 2 10.04 14.90 -21.99
C SER B 2 8.66 14.96 -22.66
N TYR B 3 8.14 13.82 -23.10
CA TYR B 3 6.75 13.76 -23.55
C TYR B 3 5.90 13.68 -22.30
N VAL B 4 4.83 14.45 -22.22
CA VAL B 4 4.08 14.43 -20.97
C VAL B 4 2.69 13.83 -21.14
N LEU B 5 2.26 13.16 -20.09
CA LEU B 5 0.92 12.62 -20.03
C LEU B 5 0.20 13.25 -18.85
N THR B 6 -0.93 13.89 -19.14
CA THR B 6 -1.69 14.57 -18.13
C THR B 6 -2.98 13.82 -17.78
N GLN B 7 -2.96 13.19 -16.60
CA GLN B 7 -4.15 12.60 -15.97
C GLN B 7 -4.66 13.52 -14.85
N PRO B 8 -5.96 13.44 -14.51
CA PRO B 8 -6.38 14.14 -13.28
C PRO B 8 -5.98 13.31 -12.06
N PRO B 9 -5.67 13.94 -10.92
CA PRO B 9 -5.36 13.21 -9.68
C PRO B 9 -6.54 12.39 -9.11
N SER B 10 -7.77 12.80 -9.36
CA SER B 10 -8.92 12.11 -8.82
C SER B 10 -10.06 12.02 -9.78
N VAL B 11 -10.85 10.97 -9.71
CA VAL B 11 -12.12 10.92 -10.34
C VAL B 11 -13.03 10.26 -9.33
N SER B 12 -14.28 10.70 -9.28
CA SER B 12 -15.20 10.23 -8.26
C SER B 12 -16.52 9.85 -8.88
N VAL B 13 -17.07 8.72 -8.50
CA VAL B 13 -18.19 8.19 -9.24
C VAL B 13 -19.11 7.58 -8.24
N ALA B 14 -20.43 7.71 -8.47
CA ALA B 14 -21.41 6.97 -7.70
C ALA B 14 -21.33 5.49 -8.08
N PRO B 15 -21.56 4.58 -7.11
CA PRO B 15 -21.61 3.13 -7.37
C PRO B 15 -22.68 2.77 -8.40
N GLY B 16 -22.31 1.99 -9.41
CA GLY B 16 -23.25 1.65 -10.46
C GLY B 16 -23.21 2.63 -11.62
N LYS B 17 -22.63 3.81 -11.40
CA LYS B 17 -22.52 4.77 -12.49
C LYS B 17 -21.21 4.63 -13.25
N THR B 18 -20.94 5.56 -14.16
CA THR B 18 -19.81 5.41 -15.09
C THR B 18 -18.68 6.40 -14.86
N ALA B 19 -17.46 5.88 -14.80
CA ALA B 19 -16.27 6.71 -14.58
C ALA B 19 -15.42 6.86 -15.88
N ARG B 20 -14.92 8.08 -16.12
CA ARG B 20 -14.08 8.36 -17.27
C ARG B 20 -12.80 9.02 -16.85
N ILE B 21 -11.67 8.41 -17.21
CA ILE B 21 -10.38 8.92 -16.78
C ILE B 21 -9.59 9.40 -17.99
N THR B 22 -9.21 10.67 -18.00
CA THR B 22 -8.55 11.21 -19.17
C THR B 22 -7.04 11.17 -19.09
N CYS B 23 -6.45 10.90 -20.24
CA CYS B 23 -5.01 10.83 -20.41
C CYS B 23 -4.64 11.83 -21.49
N GLY B 24 -4.36 13.05 -21.05
CA GLY B 24 -4.06 14.14 -21.95
C GLY B 24 -2.66 14.00 -22.48
N GLY B 25 -2.58 13.86 -23.79
CA GLY B 25 -1.31 13.69 -24.41
C GLY B 25 -1.25 14.56 -25.64
N ASN B 26 -0.05 14.98 -25.94
CA ASN B 26 0.15 15.88 -27.04
C ASN B 26 0.16 15.12 -28.38
N ASN B 27 -0.92 15.24 -29.14
CA ASN B 27 -1.23 14.38 -30.28
C ASN B 27 -1.18 12.88 -29.92
N ILE B 28 -1.55 12.57 -28.68
CA ILE B 28 -1.64 11.20 -28.19
C ILE B 28 -2.46 10.25 -29.06
N GLY B 29 -3.38 10.79 -29.83
CA GLY B 29 -4.31 9.98 -30.61
C GLY B 29 -3.67 9.16 -31.72
N SER B 30 -2.45 9.51 -32.10
CA SER B 30 -1.71 8.70 -33.07
C SER B 30 -0.68 7.81 -32.38
N LYS B 31 -0.70 7.78 -31.06
CA LYS B 31 0.10 6.83 -30.32
C LYS B 31 -0.79 5.69 -29.86
N SER B 32 -0.19 4.57 -29.47
CA SER B 32 -0.94 3.46 -28.86
C SER B 32 -0.99 3.62 -27.34
N VAL B 33 -2.18 3.56 -26.75
CA VAL B 33 -2.32 3.89 -25.35
C VAL B 33 -2.69 2.69 -24.51
N HIS B 34 -1.90 2.49 -23.45
CA HIS B 34 -2.11 1.36 -22.54
C HIS B 34 -2.50 1.85 -21.13
N TRP B 35 -3.34 1.07 -20.47
CA TRP B 35 -3.84 1.47 -19.16
C TRP B 35 -3.59 0.43 -18.07
N TYR B 36 -3.23 0.89 -16.88
CA TYR B 36 -2.96 -0.01 -15.76
C TYR B 36 -3.79 0.35 -14.54
N GLN B 37 -4.19 -0.69 -13.81
CA GLN B 37 -4.86 -0.55 -12.53
C GLN B 37 -3.94 -1.04 -11.39
N GLN B 38 -3.81 -0.22 -10.35
CA GLN B 38 -3.00 -0.60 -9.19
C GLN B 38 -3.81 -0.38 -7.93
N LYS B 39 -4.34 -1.47 -7.38
CA LYS B 39 -4.99 -1.42 -6.08
C LYS B 39 -3.95 -1.22 -4.96
N PRO B 40 -4.35 -0.57 -3.86
CA PRO B 40 -3.50 -0.41 -2.67
C PRO B 40 -2.83 -1.73 -2.27
N GLY B 41 -1.51 -1.75 -2.18
CA GLY B 41 -0.82 -2.96 -1.77
C GLY B 41 -0.41 -3.88 -2.91
N GLN B 42 -0.97 -3.67 -4.10
CA GLN B 42 -0.67 -4.56 -5.22
C GLN B 42 0.25 -3.96 -6.28
N ALA B 43 0.60 -4.78 -7.26
CA ALA B 43 1.40 -4.37 -8.40
C ALA B 43 0.44 -3.93 -9.50
N PRO B 44 0.93 -3.11 -10.44
CA PRO B 44 0.07 -2.74 -11.58
C PRO B 44 -0.46 -3.98 -12.33
N VAL B 45 -1.65 -3.81 -12.91
CA VAL B 45 -2.29 -4.83 -13.72
C VAL B 45 -2.74 -4.19 -15.03
N LEU B 46 -2.34 -4.78 -16.14
CA LEU B 46 -2.80 -4.31 -17.45
C LEU B 46 -4.32 -4.50 -17.60
N VAL B 47 -5.04 -3.41 -17.85
CA VAL B 47 -6.50 -3.51 -18.01
C VAL B 47 -6.99 -3.11 -19.39
N VAL B 48 -6.23 -2.28 -20.11
CA VAL B 48 -6.54 -1.99 -21.52
C VAL B 48 -5.24 -1.79 -22.32
N TYR B 49 -5.09 -2.47 -23.45
CA TYR B 49 -3.90 -2.27 -24.27
C TYR B 49 -4.28 -1.81 -25.69
N ASP B 50 -3.38 -1.08 -26.32
CA ASP B 50 -3.60 -0.56 -27.65
C ASP B 50 -4.87 0.25 -27.82
N ASP B 51 -5.04 1.26 -27.00
CA ASP B 51 -6.22 2.07 -26.99
C ASP B 51 -7.43 1.39 -26.42
N SER B 52 -7.79 0.26 -26.96
CA SER B 52 -9.11 -0.29 -26.70
C SER B 52 -9.16 -1.79 -26.56
N ASP B 53 -8.02 -2.46 -26.56
CA ASP B 53 -8.07 -3.90 -26.43
C ASP B 53 -7.96 -4.28 -24.95
N ARG B 54 -8.64 -5.38 -24.62
CA ARG B 54 -8.83 -5.78 -23.24
C ARG B 54 -8.25 -7.17 -23.07
N PRO B 55 -7.29 -7.33 -22.16
CA PRO B 55 -6.81 -8.68 -21.89
C PRO B 55 -7.93 -9.56 -21.35
N SER B 56 -7.84 -10.86 -21.64
CA SER B 56 -8.79 -11.79 -21.09
C SER B 56 -8.66 -11.71 -19.58
N GLY B 57 -9.79 -11.71 -18.88
CA GLY B 57 -9.80 -11.63 -17.43
C GLY B 57 -10.33 -10.31 -16.94
N ILE B 58 -10.27 -9.31 -17.81
CA ILE B 58 -10.71 -7.97 -17.47
C ILE B 58 -12.16 -7.83 -17.85
N PRO B 59 -12.97 -7.32 -16.92
CA PRO B 59 -14.40 -7.17 -17.19
C PRO B 59 -14.68 -6.24 -18.39
N GLU B 60 -15.79 -6.47 -19.07
CA GLU B 60 -16.15 -5.67 -20.24
C GLU B 60 -16.44 -4.23 -19.84
N ARG B 61 -16.76 -4.04 -18.55
CA ARG B 61 -17.06 -2.71 -18.00
C ARG B 61 -15.94 -1.73 -18.27
N PHE B 62 -14.72 -2.27 -18.36
CA PHE B 62 -13.50 -1.53 -18.69
C PHE B 62 -13.36 -1.37 -20.20
N SER B 63 -13.26 -0.13 -20.64
CA SER B 63 -13.24 0.17 -22.06
C SER B 63 -12.36 1.36 -22.38
N GLY B 64 -11.68 1.36 -23.52
CA GLY B 64 -10.79 2.46 -23.85
C GLY B 64 -11.02 3.13 -25.21
N SER B 65 -10.60 4.38 -25.32
CA SER B 65 -10.66 5.09 -26.60
C SER B 65 -9.50 6.10 -26.67
N ASN B 66 -9.18 6.55 -27.89
CA ASN B 66 -8.01 7.41 -28.13
C ASN B 66 -8.18 8.27 -29.40
N SER B 67 -8.21 9.59 -29.26
CA SER B 67 -8.21 10.47 -30.43
C SER B 67 -7.86 11.89 -30.05
N GLY B 68 -7.47 12.69 -31.03
CA GLY B 68 -7.02 14.04 -30.78
C GLY B 68 -5.92 14.02 -29.72
N ASN B 69 -6.04 14.90 -28.73
CA ASN B 69 -5.05 14.99 -27.68
C ASN B 69 -5.50 14.31 -26.38
N THR B 70 -6.45 13.39 -26.46
CA THR B 70 -6.95 12.72 -25.25
C THR B 70 -7.36 11.26 -25.44
N ALA B 71 -6.73 10.39 -24.67
CA ALA B 71 -7.16 9.01 -24.52
C ALA B 71 -8.02 8.86 -23.24
N THR B 72 -8.93 7.90 -23.25
CA THR B 72 -9.93 7.76 -22.18
C THR B 72 -10.13 6.31 -21.76
N LEU B 73 -10.02 6.06 -20.45
CA LEU B 73 -10.42 4.79 -19.88
C LEU B 73 -11.78 5.06 -19.32
N THR B 74 -12.69 4.12 -19.54
CA THR B 74 -14.08 4.25 -19.16
C THR B 74 -14.52 2.99 -18.44
N ILE B 75 -14.86 3.17 -17.17
CA ILE B 75 -15.29 2.07 -16.34
C ILE B 75 -16.75 2.31 -16.03
N SER B 76 -17.59 1.37 -16.43
CA SER B 76 -19.01 1.57 -16.24
C SER B 76 -19.51 0.60 -15.18
N ARG B 77 -20.66 0.94 -14.59
CA ARG B 77 -21.24 0.21 -13.46
C ARG B 77 -20.23 -0.01 -12.35
N VAL B 78 -19.47 1.04 -12.03
CA VAL B 78 -18.40 1.00 -11.04
C VAL B 78 -18.82 0.36 -9.70
N GLU B 79 -18.02 -0.56 -9.20
CA GLU B 79 -18.23 -1.06 -7.85
C GLU B 79 -17.05 -0.71 -6.95
N ALA B 80 -17.19 -1.00 -5.65
CA ALA B 80 -16.18 -0.64 -4.67
C ALA B 80 -14.84 -1.31 -4.96
N GLY B 81 -14.92 -2.45 -5.66
CA GLY B 81 -13.74 -3.20 -6.07
C GLY B 81 -12.89 -2.47 -7.09
N ASP B 82 -13.50 -1.50 -7.75
CA ASP B 82 -12.77 -0.74 -8.76
C ASP B 82 -11.89 0.38 -8.18
N GLU B 83 -12.04 0.67 -6.89
CA GLU B 83 -11.22 1.70 -6.24
C GLU B 83 -9.74 1.36 -6.34
N ALA B 84 -8.98 2.24 -7.00
CA ALA B 84 -7.59 2.00 -7.34
C ALA B 84 -6.92 3.23 -7.95
N ASP B 85 -5.60 3.21 -8.06
CA ASP B 85 -4.92 4.20 -8.85
C ASP B 85 -4.82 3.70 -10.30
N TYR B 86 -4.96 4.61 -11.24
CA TYR B 86 -4.94 4.23 -12.63
C TYR B 86 -3.84 4.98 -13.37
N TYR B 87 -3.18 4.29 -14.29
CA TYR B 87 -2.08 4.87 -15.04
C TYR B 87 -2.24 4.63 -16.52
N CYS B 88 -1.93 5.63 -17.33
CA CYS B 88 -1.86 5.38 -18.77
C CYS B 88 -0.41 5.39 -19.22
N GLN B 89 -0.15 4.71 -20.34
CA GLN B 89 1.22 4.48 -20.75
C GLN B 89 1.42 4.55 -22.28
N VAL B 90 2.40 5.33 -22.72
CA VAL B 90 2.76 5.36 -24.14
C VAL B 90 4.25 5.13 -24.30
N TRP B 91 4.67 4.99 -25.56
CA TRP B 91 6.06 5.14 -25.96
C TRP B 91 6.19 6.46 -26.71
N ASP B 92 7.38 7.05 -26.64
CA ASP B 92 7.73 8.27 -27.36
C ASP B 92 9.25 8.39 -27.40
N SER B 93 9.84 8.39 -28.61
CA SER B 93 11.28 8.62 -28.78
C SER B 93 12.18 7.70 -27.94
N SER B 94 11.94 6.38 -28.01
CA SER B 94 12.72 5.39 -27.30
C SER B 94 12.59 5.46 -25.77
N SER B 95 11.48 5.99 -25.27
CA SER B 95 11.24 5.92 -23.84
C SER B 95 9.79 5.60 -23.49
N VAL B 96 9.57 4.97 -22.33
CA VAL B 96 8.21 4.72 -21.84
C VAL B 96 7.78 5.87 -20.91
N VAL B 97 6.51 6.25 -20.96
CA VAL B 97 6.01 7.32 -20.10
C VAL B 97 4.67 6.97 -19.47
N PHE B 98 4.60 7.17 -18.16
CA PHE B 98 3.39 7.00 -17.39
C PHE B 98 2.83 8.37 -16.97
N GLY B 99 1.52 8.56 -17.08
CA GLY B 99 0.91 9.74 -16.51
C GLY B 99 0.91 9.54 -15.01
N GLY B 100 0.83 10.61 -14.23
CA GLY B 100 0.70 10.50 -12.78
C GLY B 100 -0.56 9.74 -12.49
N TRP B 101 -0.70 9.18 -11.27
CA TRP B 101 -1.91 8.42 -10.94
C TRP B 101 -3.21 9.23 -10.91
N THR B 102 -4.29 8.61 -11.37
CA THR B 102 -5.65 9.05 -11.08
C THR B 102 -6.23 8.11 -10.05
N LYS B 103 -6.62 8.63 -8.88
CA LYS B 103 -7.30 7.79 -7.91
C LYS B 103 -8.79 7.86 -8.14
N LEU B 104 -9.39 6.68 -8.32
CA LEU B 104 -10.84 6.56 -8.41
C LEU B 104 -11.42 6.28 -7.04
N THR B 105 -12.18 7.24 -6.51
CA THR B 105 -12.95 6.98 -5.31
C THR B 105 -14.43 6.79 -5.64
N VAL B 106 -15.07 5.83 -4.97
CA VAL B 106 -16.48 5.56 -5.15
C VAL B 106 -17.26 6.27 -4.06
N LEU B 107 -18.38 6.87 -4.44
CA LEU B 107 -19.25 7.50 -3.45
C LEU B 107 -20.00 6.51 -2.57
N ARG B 108 -20.47 6.98 -1.42
CA ARG B 108 -21.38 6.25 -0.53
C ARG B 108 -21.97 7.19 0.53
N ALA B 109 -22.84 6.66 1.38
CA ALA B 109 -23.51 7.50 2.37
C ALA B 109 -22.62 7.81 3.57
N ASP B 110 -22.89 8.94 4.23
CA ASP B 110 -22.15 9.31 5.42
C ASP B 110 -22.16 8.14 6.38
N ALA B 111 -21.09 8.00 7.16
CA ALA B 111 -21.07 7.03 8.25
C ALA B 111 -20.20 7.56 9.37
N ALA B 112 -20.75 7.53 10.58
CA ALA B 112 -20.01 7.85 11.80
C ALA B 112 -18.96 6.77 12.10
N PRO B 113 -17.78 7.18 12.59
CA PRO B 113 -16.73 6.26 13.01
C PRO B 113 -17.18 5.33 14.11
N THR B 114 -16.79 4.07 14.00
CA THR B 114 -16.88 3.12 15.09
C THR B 114 -15.59 3.20 15.87
N VAL B 115 -15.67 3.58 17.14
CA VAL B 115 -14.47 3.88 17.88
C VAL B 115 -14.20 2.84 18.97
N SER B 116 -12.93 2.44 19.12
CA SER B 116 -12.51 1.47 20.13
C SER B 116 -11.20 1.86 20.78
N ILE B 117 -11.07 1.65 22.08
CA ILE B 117 -9.84 2.01 22.76
C ILE B 117 -9.23 0.77 23.41
N PHE B 118 -7.91 0.75 23.49
CA PHE B 118 -7.18 -0.41 23.98
C PHE B 118 -6.00 -0.02 24.85
N PRO B 119 -5.99 -0.49 26.12
CA PRO B 119 -4.89 -0.24 27.07
C PRO B 119 -3.64 -1.02 26.64
N PRO B 120 -2.49 -0.71 27.25
CA PRO B 120 -1.30 -1.51 26.93
C PRO B 120 -1.54 -3.01 27.12
N SER B 121 -0.79 -3.84 26.41
CA SER B 121 -0.83 -5.27 26.67
C SER B 121 0.10 -5.63 27.82
N SER B 122 -0.12 -6.80 28.42
CA SER B 122 0.78 -7.32 29.43
C SER B 122 2.20 -7.49 28.91
N GLU B 123 2.31 -8.02 27.70
CA GLU B 123 3.58 -8.21 27.02
C GLU B 123 4.36 -6.90 26.94
N GLN B 124 3.64 -5.80 26.68
CA GLN B 124 4.31 -4.51 26.50
C GLN B 124 4.67 -3.85 27.83
N LEU B 125 3.80 -3.99 28.82
CA LEU B 125 4.15 -3.50 30.16
C LEU B 125 5.40 -4.24 30.67
N THR B 126 5.41 -5.56 30.48
CA THR B 126 6.56 -6.41 30.80
C THR B 126 7.86 -6.03 30.07
N SER B 127 7.75 -5.32 28.95
CA SER B 127 8.93 -4.92 28.18
C SER B 127 9.35 -3.51 28.56
N GLY B 128 8.52 -2.85 29.38
CA GLY B 128 8.77 -1.48 29.79
C GLY B 128 8.08 -0.44 28.95
N GLY B 129 7.20 -0.87 28.06
CA GLY B 129 6.51 0.06 27.20
C GLY B 129 5.05 0.17 27.56
N ALA B 130 4.37 1.16 27.00
CA ALA B 130 2.93 1.29 27.23
C ALA B 130 2.23 2.09 26.12
N SER B 131 1.57 1.37 25.21
CA SER B 131 0.86 1.98 24.09
C SER B 131 -0.66 1.89 24.24
N VAL B 132 -1.32 3.03 24.09
CA VAL B 132 -2.77 3.08 24.07
C VAL B 132 -3.25 3.28 22.64
N VAL B 133 -4.05 2.36 22.16
CA VAL B 133 -4.41 2.33 20.75
C VAL B 133 -5.89 2.61 20.61
N CYS B 134 -6.20 3.42 19.60
CA CYS B 134 -7.57 3.81 19.33
C CYS B 134 -7.84 3.62 17.83
N PHE B 135 -8.81 2.77 17.49
CA PHE B 135 -9.24 2.60 16.11
C PHE B 135 -10.52 3.38 15.86
N LEU B 136 -10.49 4.20 14.81
CA LEU B 136 -11.67 4.92 14.35
C LEU B 136 -12.07 4.39 12.98
N ASN B 137 -13.07 3.52 12.93
CA ASN B 137 -13.29 2.67 11.77
C ASN B 137 -14.56 2.92 10.94
N ASN B 138 -14.45 2.63 9.66
CA ASN B 138 -15.59 2.58 8.75
C ASN B 138 -16.45 3.83 8.77
N PHE B 139 -15.81 4.97 8.60
CA PHE B 139 -16.48 6.25 8.55
C PHE B 139 -16.42 6.84 7.15
N TYR B 140 -17.36 7.71 6.84
CA TYR B 140 -17.35 8.42 5.58
C TYR B 140 -18.09 9.73 5.78
N PRO B 141 -17.58 10.83 5.35
CA PRO B 141 -16.43 11.00 4.48
C PRO B 141 -15.10 10.95 5.18
N LYS B 142 -14.03 11.02 4.44
CA LYS B 142 -12.72 10.69 4.92
C LYS B 142 -12.10 11.53 5.99
N ASP B 143 -12.43 12.80 6.04
CA ASP B 143 -11.87 13.67 7.03
C ASP B 143 -12.34 13.35 8.42
N ILE B 144 -11.40 13.31 9.35
CA ILE B 144 -11.63 12.96 10.73
C ILE B 144 -10.50 13.54 11.59
N ASN B 145 -10.68 13.56 12.91
CA ASN B 145 -9.68 14.07 13.86
C ASN B 145 -9.72 13.28 15.16
N VAL B 146 -8.53 12.95 15.68
CA VAL B 146 -8.45 12.33 16.99
C VAL B 146 -7.87 13.30 18.02
N LYS B 147 -8.45 13.30 19.21
CA LYS B 147 -7.86 14.01 20.34
C LYS B 147 -7.61 12.99 21.46
N TRP B 148 -6.43 13.09 22.07
CA TRP B 148 -6.05 12.29 23.22
C TRP B 148 -6.06 13.14 24.48
N LYS B 149 -6.81 12.70 25.50
CA LYS B 149 -6.72 13.33 26.81
C LYS B 149 -6.11 12.32 27.78
N ILE B 150 -5.26 12.81 28.68
CA ILE B 150 -4.74 12.01 29.80
C ILE B 150 -5.18 12.68 31.10
N ASP B 151 -6.02 12.01 31.88
CA ASP B 151 -6.53 12.58 33.14
C ASP B 151 -7.09 13.99 32.90
N GLY B 152 -7.86 14.14 31.81
CA GLY B 152 -8.54 15.39 31.51
C GLY B 152 -7.81 16.36 30.60
N SER B 153 -6.48 16.25 30.48
CA SER B 153 -5.76 17.20 29.66
C SER B 153 -5.24 16.61 28.34
N GLU B 154 -5.47 17.35 27.26
CA GLU B 154 -5.06 16.94 25.94
C GLU B 154 -3.56 16.66 25.94
N ARG B 155 -3.15 15.53 25.34
CA ARG B 155 -1.74 15.26 25.10
C ARG B 155 -1.46 15.11 23.63
N GLN B 156 -0.32 15.65 23.19
CA GLN B 156 0.00 15.65 21.78
C GLN B 156 1.24 14.83 21.46
N ASN B 157 2.14 14.64 22.41
CA ASN B 157 3.32 13.89 22.02
C ASN B 157 3.18 12.38 22.14
N GLY B 158 4.01 11.70 21.36
CA GLY B 158 4.01 10.25 21.32
C GLY B 158 2.78 9.67 20.64
N VAL B 159 2.12 10.48 19.83
CA VAL B 159 0.94 10.00 19.12
C VAL B 159 1.27 9.69 17.65
N LEU B 160 0.94 8.49 17.22
CA LEU B 160 1.21 8.04 15.87
C LEU B 160 -0.09 7.76 15.11
N ASN B 161 -0.23 8.37 13.94
CA ASN B 161 -1.43 8.16 13.12
C ASN B 161 -1.20 7.53 11.74
N SER B 162 -2.17 6.74 11.30
CA SER B 162 -2.13 6.12 9.99
C SER B 162 -3.54 5.91 9.45
N TRP B 163 -3.73 6.11 8.16
CA TRP B 163 -5.06 6.04 7.58
C TRP B 163 -5.09 4.92 6.56
N THR B 164 -6.24 4.26 6.40
CA THR B 164 -6.41 3.30 5.32
C THR B 164 -6.81 3.98 4.04
N ASP B 165 -6.62 3.28 2.93
CA ASP B 165 -7.21 3.67 1.66
C ASP B 165 -8.68 3.37 1.77
N GLN B 166 -9.47 3.94 0.86
CA GLN B 166 -10.89 3.66 0.81
C GLN B 166 -11.09 2.15 0.83
N ASP B 167 -11.90 1.65 1.75
CA ASP B 167 -12.15 0.22 1.86
C ASP B 167 -12.69 -0.42 0.58
N SER B 168 -12.22 -1.64 0.29
CA SER B 168 -12.48 -2.25 -1.00
C SER B 168 -13.88 -2.82 -1.12
N LYS B 169 -14.59 -2.93 -0.02
CA LYS B 169 -15.92 -3.52 -0.12
C LYS B 169 -17.04 -2.57 0.29
N ASP B 170 -16.79 -1.64 1.23
CA ASP B 170 -17.88 -0.76 1.67
C ASP B 170 -17.62 0.72 1.45
N SER B 171 -16.53 1.03 0.75
CA SER B 171 -16.19 2.40 0.37
C SER B 171 -15.95 3.40 1.53
N THR B 172 -15.76 2.90 2.75
CA THR B 172 -15.48 3.77 3.89
C THR B 172 -14.00 4.03 4.11
N TYR B 173 -13.67 4.68 5.23
CA TYR B 173 -12.28 5.02 5.60
C TYR B 173 -12.01 4.66 7.03
N SER B 174 -10.76 4.34 7.35
CA SER B 174 -10.45 4.00 8.75
C SER B 174 -9.11 4.58 9.22
N MET B 175 -9.03 4.73 10.52
CA MET B 175 -7.89 5.39 11.15
C MET B 175 -7.41 4.67 12.43
N SER B 176 -6.10 4.54 12.55
CA SER B 176 -5.52 4.03 13.77
C SER B 176 -4.78 5.15 14.46
N SER B 177 -4.92 5.23 15.77
CA SER B 177 -4.15 6.17 16.55
C SER B 177 -3.51 5.46 17.73
N THR B 178 -2.21 5.67 17.88
CA THR B 178 -1.44 5.03 18.94
C THR B 178 -0.71 6.07 19.78
N LEU B 179 -1.08 6.18 21.05
CA LEU B 179 -0.33 7.01 22.00
C LEU B 179 0.68 6.13 22.76
N THR B 180 1.97 6.43 22.63
CA THR B 180 3.02 5.60 23.26
C THR B 180 3.81 6.33 24.35
N LEU B 181 3.80 5.74 25.55
CA LEU B 181 4.53 6.19 26.73
C LEU B 181 5.36 5.05 27.30
N THR B 182 6.06 5.32 28.41
CA THR B 182 6.76 4.26 29.12
C THR B 182 5.85 3.69 30.20
N LYS B 183 6.15 2.47 30.67
CA LYS B 183 5.33 1.83 31.69
C LYS B 183 5.28 2.73 32.93
N ASP B 184 6.39 3.43 33.18
CA ASP B 184 6.43 4.37 34.29
C ASP B 184 5.41 5.49 34.07
N GLU B 185 5.61 6.28 33.02
CA GLU B 185 4.71 7.41 32.73
C GLU B 185 3.23 6.98 32.65
N TYR B 186 2.97 5.82 32.06
CA TYR B 186 1.61 5.31 31.98
C TYR B 186 0.99 5.05 33.35
N GLU B 187 1.82 4.79 34.35
CA GLU B 187 1.34 4.44 35.68
C GLU B 187 1.33 5.63 36.63
N ARG B 188 1.78 6.77 36.15
CA ARG B 188 1.66 8.00 36.91
C ARG B 188 0.30 8.65 36.65
N HIS B 189 -0.58 7.97 35.91
CA HIS B 189 -1.91 8.50 35.54
C HIS B 189 -3.02 7.45 35.54
N ASN B 190 -4.27 7.90 35.52
CA ASN B 190 -5.42 6.99 35.65
C ASN B 190 -6.38 6.99 34.43
N SER B 191 -6.64 8.18 33.88
CA SER B 191 -7.68 8.32 32.88
C SER B 191 -7.13 8.53 31.47
N TYR B 192 -7.40 7.55 30.60
CA TYR B 192 -6.96 7.64 29.20
C TYR B 192 -8.17 7.73 28.30
N THR B 193 -8.12 8.70 27.40
CA THR B 193 -9.29 9.13 26.65
C THR B 193 -8.93 9.48 25.20
N CYS B 194 -9.71 8.96 24.26
CA CYS B 194 -9.50 9.37 22.88
C CYS B 194 -10.83 9.78 22.27
N GLU B 195 -10.87 10.92 21.59
CA GLU B 195 -12.15 11.39 21.09
C GLU B 195 -12.14 11.79 19.61
N ALA B 196 -13.16 11.29 18.91
CA ALA B 196 -13.31 11.38 17.46
C ALA B 196 -14.26 12.49 17.03
N THR B 197 -13.76 13.43 16.26
CA THR B 197 -14.61 14.50 15.75
C THR B 197 -14.78 14.28 14.26
N HIS B 198 -16.03 14.36 13.81
CA HIS B 198 -16.37 13.98 12.47
C HIS B 198 -17.65 14.69 12.04
N LYS B 199 -17.69 15.04 10.75
CA LYS B 199 -18.86 15.62 10.07
C LYS B 199 -20.23 15.10 10.52
N THR B 200 -20.31 13.80 10.85
CA THR B 200 -21.59 13.15 11.08
C THR B 200 -22.13 13.47 12.45
N SER B 201 -21.43 14.31 13.19
CA SER B 201 -21.87 14.58 14.54
C SER B 201 -21.46 15.95 15.05
N THR B 202 -22.40 16.54 15.75
CA THR B 202 -22.23 17.77 16.50
C THR B 202 -21.25 17.56 17.66
N SER B 203 -21.31 16.45 18.34
CA SER B 203 -20.47 16.14 19.48
C SER B 203 -19.44 15.09 19.14
N PRO B 204 -18.26 15.15 19.73
CA PRO B 204 -17.21 14.15 19.52
C PRO B 204 -17.57 12.80 20.12
N ILE B 205 -17.30 11.71 19.39
CA ILE B 205 -17.39 10.34 19.92
C ILE B 205 -16.18 10.05 20.77
N VAL B 206 -16.42 9.65 22.01
CA VAL B 206 -15.33 9.51 22.94
C VAL B 206 -15.34 8.12 23.56
N LYS B 207 -14.17 7.46 23.58
CA LYS B 207 -13.98 6.22 24.32
C LYS B 207 -12.90 6.46 25.35
N SER B 208 -12.98 5.74 26.48
CA SER B 208 -12.09 6.03 27.59
C SER B 208 -11.97 4.82 28.51
N PHE B 209 -10.91 4.79 29.31
CA PHE B 209 -10.80 3.74 30.34
C PHE B 209 -9.94 4.23 31.52
N ASN B 210 -10.02 3.49 32.62
CA ASN B 210 -9.18 3.78 33.76
C ASN B 210 -8.25 2.62 34.05
N ARG B 211 -6.99 2.94 34.29
CA ARG B 211 -5.99 1.95 34.64
C ARG B 211 -6.49 1.11 35.80
N ASN B 212 -7.24 1.73 36.68
CA ASN B 212 -7.79 1.05 37.82
C ASN B 212 -8.73 -0.06 37.39
N GLU B 213 -9.79 0.36 36.71
CA GLU B 213 -10.64 -0.46 35.85
C GLU B 213 -12.03 0.16 35.70
#